data_7YCC
#
_entry.id   7YCC
#
_cell.length_a   96.268
_cell.length_b   94.407
_cell.length_c   67.423
_cell.angle_alpha   90.000
_cell.angle_beta   91.490
_cell.angle_gamma   90.000
#
_symmetry.space_group_name_H-M   'C 1 2 1'
#
loop_
_entity.id
_entity.type
_entity.pdbx_description
1 polymer 'Isoform 2B of GTPase KRas'
2 non-polymer "GUANOSINE-5'-DIPHOSPHATE"
3 non-polymer 'MAGNESIUM ION'
4 non-polymer 1-[7-[6-chloranyl-8-fluoranyl-7-(5-methyl-1~{H}-indazol-4-yl)-2-[(1-methylpiperidin-4-yl)amino]quinazolin-4-yl]-2,7-diazaspiro[3.5]nonan-2-yl]propan-1-one
5 water water
#
_entity_poly.entity_id   1
_entity_poly.type   'polypeptide(L)'
_entity_poly.pdbx_seq_one_letter_code
;GMTEYKLVVVGACGVGKSALTIQLIQNHFVDEYDPTIEDSYRKQVVIDGETCLLDILDTAGQEEYSAMRDQYMRTGEGFL
CVFAINNTKSFEDIHHYREQIKRVKDSEDVPMVLVGNKSDLPSRTVDTKQAQDLARSYGIPFIETSAKTRQGVDDAFYTL
VREIRKHKEK
;
_entity_poly.pdbx_strand_id   A,B,C
#
loop_
_chem_comp.id
_chem_comp.type
_chem_comp.name
_chem_comp.formula
GDP RNA linking GUANOSINE-5'-DIPHOSPHATE 'C10 H15 N5 O11 P2'
IQC non-polymer 1-[7-[6-chloranyl-8-fluoranyl-7-(5-methyl-1~{H}-indazol-4-yl)-2-[(1-methylpiperidin-4-yl)amino]quinazolin-4-yl]-2,7-diazaspiro[3.5]nonan-2-yl]propan-1-one 'C32 H38 Cl F N8 O'
MG non-polymer 'MAGNESIUM ION' 'Mg 2'
#
# COMPACT_ATOMS: atom_id res chain seq x y z
N MET A 2 -20.28 -8.52 -2.65
CA MET A 2 -19.88 -7.11 -3.03
C MET A 2 -19.76 -7.04 -4.55
N THR A 3 -20.54 -6.16 -5.20
CA THR A 3 -20.49 -6.10 -6.65
C THR A 3 -19.48 -5.03 -7.03
N GLU A 4 -18.68 -5.32 -8.05
CA GLU A 4 -17.70 -4.35 -8.49
C GLU A 4 -18.24 -3.57 -9.67
N TYR A 5 -17.89 -2.27 -9.73
CA TYR A 5 -18.18 -1.47 -10.90
C TYR A 5 -16.93 -0.77 -11.40
N LYS A 6 -16.59 -0.99 -12.67
CA LYS A 6 -15.40 -0.36 -13.20
C LYS A 6 -15.81 0.94 -13.88
N LEU A 7 -15.32 2.05 -13.31
CA LEU A 7 -15.69 3.40 -13.75
C LEU A 7 -14.44 4.07 -14.30
N VAL A 8 -14.59 4.88 -15.35
CA VAL A 8 -13.44 5.66 -15.82
C VAL A 8 -13.85 7.12 -15.86
N VAL A 9 -12.94 8.01 -15.44
CA VAL A 9 -13.23 9.43 -15.42
C VAL A 9 -12.37 10.02 -16.54
N VAL A 10 -13.04 10.63 -17.52
CA VAL A 10 -12.35 11.16 -18.69
C VAL A 10 -12.65 12.64 -18.85
N GLY A 11 -11.82 13.30 -19.68
CA GLY A 11 -11.95 14.72 -19.93
C GLY A 11 -10.61 15.44 -19.93
N ALA A 12 -10.64 16.72 -20.35
CA ALA A 12 -9.44 17.53 -20.51
C ALA A 12 -8.66 17.72 -19.21
N CYS A 13 -7.34 17.97 -19.32
CA CYS A 13 -6.55 18.41 -18.18
C CYS A 13 -7.21 19.62 -17.54
N GLY A 14 -7.24 19.56 -16.21
CA GLY A 14 -7.65 20.66 -15.35
C GLY A 14 -9.15 20.83 -15.13
N VAL A 15 -10.01 19.93 -15.67
CA VAL A 15 -11.46 20.07 -15.45
C VAL A 15 -11.86 19.70 -14.02
N GLY A 16 -11.01 18.93 -13.32
CA GLY A 16 -11.23 18.53 -11.94
C GLY A 16 -11.56 17.03 -11.78
N LYS A 17 -11.06 16.20 -12.69
CA LYS A 17 -11.21 14.74 -12.66
C LYS A 17 -10.62 14.20 -11.35
N SER A 18 -9.36 14.58 -11.08
CA SER A 18 -8.72 14.12 -9.86
C SER A 18 -9.44 14.66 -8.63
N ALA A 19 -9.75 15.96 -8.63
CA ALA A 19 -10.46 16.52 -7.49
C ALA A 19 -11.82 15.87 -7.22
N LEU A 20 -12.63 15.59 -8.25
CA LEU A 20 -13.88 14.87 -8.01
C LEU A 20 -13.65 13.51 -7.36
N THR A 21 -12.70 12.74 -7.92
CA THR A 21 -12.41 11.37 -7.51
C THR A 21 -11.96 11.41 -6.04
N ILE A 22 -10.96 12.25 -5.72
CA ILE A 22 -10.52 12.49 -4.34
C ILE A 22 -11.68 12.84 -3.40
N GLN A 23 -12.61 13.71 -3.84
CA GLN A 23 -13.76 14.04 -3.01
C GLN A 23 -14.61 12.81 -2.67
N LEU A 24 -15.00 12.03 -3.69
CA LEU A 24 -15.85 10.87 -3.49
C LEU A 24 -15.29 10.01 -2.37
N ILE A 25 -14.00 9.67 -2.46
CA ILE A 25 -13.31 8.83 -1.49
C ILE A 25 -13.10 9.52 -0.14
N GLN A 26 -12.55 10.75 -0.14
CA GLN A 26 -11.95 11.26 1.08
C GLN A 26 -12.67 12.47 1.66
N ASN A 27 -13.69 12.96 0.98
CA ASN A 27 -14.45 14.05 1.55
C ASN A 27 -13.54 15.23 1.84
N HIS A 28 -12.52 15.38 0.96
CA HIS A 28 -11.49 16.41 0.93
C HIS A 28 -11.31 16.97 -0.48
N PHE A 29 -11.34 18.31 -0.62
CA PHE A 29 -11.02 19.02 -1.87
C PHE A 29 -9.51 19.35 -2.03
N VAL A 30 -8.82 18.73 -2.98
CA VAL A 30 -7.40 19.03 -3.21
C VAL A 30 -7.22 20.21 -4.18
N ASP A 31 -6.47 21.24 -3.74
CA ASP A 31 -6.23 22.50 -4.44
C ASP A 31 -5.28 22.31 -5.62
N GLU A 32 -4.41 21.33 -5.49
CA GLU A 32 -3.54 20.97 -6.59
C GLU A 32 -3.32 19.50 -6.37
N TYR A 33 -3.56 18.75 -7.43
CA TYR A 33 -3.19 17.36 -7.40
C TYR A 33 -2.38 17.13 -8.66
N ASP A 34 -1.29 16.38 -8.50
CA ASP A 34 -0.30 16.14 -9.52
C ASP A 34 -0.92 15.69 -10.85
N PRO A 35 -0.79 16.48 -11.95
CA PRO A 35 -1.44 16.13 -13.22
C PRO A 35 -0.92 14.88 -13.93
N THR A 36 0.13 14.23 -13.38
CA THR A 36 0.75 13.12 -14.10
C THR A 36 0.44 11.80 -13.37
N ILE A 37 -0.27 11.90 -12.23
CA ILE A 37 -0.71 10.73 -11.49
C ILE A 37 -2.01 10.21 -12.09
N GLU A 38 -1.91 9.15 -12.90
CA GLU A 38 -3.06 8.40 -13.40
C GLU A 38 -3.13 7.08 -12.65
N ASP A 39 -4.20 6.89 -11.87
CA ASP A 39 -4.31 5.70 -11.05
C ASP A 39 -5.75 5.25 -10.95
N SER A 40 -5.91 4.15 -10.22
CA SER A 40 -7.14 3.44 -10.00
C SER A 40 -7.45 3.43 -8.51
N TYR A 41 -8.65 3.85 -8.11
CA TYR A 41 -9.05 3.97 -6.71
C TYR A 41 -10.27 3.10 -6.42
N ARG A 42 -10.41 2.67 -5.16
CA ARG A 42 -11.52 1.82 -4.76
C ARG A 42 -12.34 2.58 -3.73
N LYS A 43 -13.66 2.36 -3.76
CA LYS A 43 -14.56 2.86 -2.76
C LYS A 43 -15.69 1.87 -2.58
N GLN A 44 -15.88 1.48 -1.33
CA GLN A 44 -16.99 0.65 -0.97
C GLN A 44 -18.09 1.63 -0.57
N VAL A 45 -19.27 1.49 -1.16
CA VAL A 45 -20.44 2.32 -0.90
C VAL A 45 -21.66 1.42 -1.01
N VAL A 46 -22.70 1.69 -0.21
CA VAL A 46 -23.98 1.04 -0.43
C VAL A 46 -24.79 1.96 -1.33
N ILE A 47 -25.24 1.43 -2.48
CA ILE A 47 -26.12 2.19 -3.36
C ILE A 47 -27.38 1.36 -3.54
N ASP A 48 -28.51 1.93 -3.11
CA ASP A 48 -29.80 1.25 -3.22
C ASP A 48 -29.80 -0.14 -2.58
N GLY A 49 -29.25 -0.23 -1.36
CA GLY A 49 -29.24 -1.46 -0.59
C GLY A 49 -28.26 -2.51 -1.15
N GLU A 50 -27.33 -2.05 -2.00
CA GLU A 50 -26.33 -2.94 -2.56
C GLU A 50 -24.92 -2.48 -2.21
N THR A 51 -24.13 -3.40 -1.62
CA THR A 51 -22.73 -3.09 -1.36
C THR A 51 -21.93 -3.15 -2.67
N CYS A 52 -21.44 -1.98 -3.07
CA CYS A 52 -20.68 -1.79 -4.30
C CYS A 52 -19.23 -1.52 -3.92
N LEU A 53 -18.33 -2.12 -4.70
CA LEU A 53 -16.93 -1.73 -4.69
C LEU A 53 -16.62 -1.07 -6.04
N LEU A 54 -16.48 0.26 -5.99
CA LEU A 54 -16.20 1.06 -7.18
C LEU A 54 -14.70 1.09 -7.45
N ASP A 55 -14.34 0.75 -8.70
CA ASP A 55 -13.01 0.77 -9.27
C ASP A 55 -12.91 1.93 -10.26
N ILE A 56 -12.37 3.08 -9.80
CA ILE A 56 -12.36 4.32 -10.58
C ILE A 56 -10.98 4.66 -11.14
N LEU A 57 -10.89 4.64 -12.46
CA LEU A 57 -9.68 5.08 -13.12
C LEU A 57 -9.72 6.59 -13.40
N ASP A 58 -8.81 7.36 -12.76
CA ASP A 58 -8.64 8.80 -12.88
C ASP A 58 -7.63 9.03 -14.00
N THR A 59 -8.10 9.34 -15.21
CA THR A 59 -7.19 9.36 -16.35
C THR A 59 -6.30 10.59 -16.21
N ALA A 60 -5.04 10.51 -16.69
CA ALA A 60 -4.06 11.59 -16.60
C ALA A 60 -2.89 11.31 -17.57
N GLY A 61 -1.77 12.04 -17.41
CA GLY A 61 -0.58 11.75 -18.20
C GLY A 61 -0.66 12.36 -19.59
N GLN A 62 -0.07 11.69 -20.60
CA GLN A 62 -0.02 12.28 -21.94
C GLN A 62 -1.12 11.69 -22.83
N GLU A 63 -1.30 12.26 -24.02
CA GLU A 63 -2.49 12.04 -24.83
C GLU A 63 -2.55 10.62 -25.41
N MET A 68 -2.37 -0.35 -22.26
CA MET A 68 -2.94 -0.46 -20.88
C MET A 68 -4.10 0.53 -20.72
N ARG A 69 -4.08 1.63 -21.50
CA ARG A 69 -5.16 2.61 -21.52
C ARG A 69 -6.39 2.00 -22.19
N ASP A 70 -6.18 1.44 -23.39
CA ASP A 70 -7.21 0.81 -24.20
C ASP A 70 -7.79 -0.42 -23.50
N GLN A 71 -7.10 -0.86 -22.43
CA GLN A 71 -7.54 -1.95 -21.57
C GLN A 71 -8.63 -1.46 -20.61
N TYR A 72 -8.36 -0.40 -19.83
CA TYR A 72 -9.39 0.15 -18.96
C TYR A 72 -10.55 0.69 -19.80
N MET A 73 -10.19 1.31 -20.93
CA MET A 73 -11.17 1.83 -21.86
C MET A 73 -12.02 0.68 -22.42
N ARG A 74 -11.39 -0.45 -22.78
CA ARG A 74 -12.16 -1.58 -23.32
C ARG A 74 -13.03 -2.23 -22.24
N THR A 75 -12.56 -2.30 -21.00
CA THR A 75 -13.31 -3.08 -20.02
C THR A 75 -14.14 -2.22 -19.05
N GLY A 76 -13.98 -0.88 -19.11
CA GLY A 76 -14.66 0.00 -18.18
C GLY A 76 -16.16 -0.12 -18.44
N GLU A 77 -16.97 -0.10 -17.37
CA GLU A 77 -18.38 -0.39 -17.52
C GLU A 77 -19.16 0.90 -17.72
N GLY A 78 -18.58 2.00 -17.24
CA GLY A 78 -19.28 3.27 -17.29
C GLY A 78 -18.28 4.42 -17.21
N PHE A 79 -18.65 5.55 -17.84
CA PHE A 79 -17.72 6.64 -17.99
C PHE A 79 -18.32 7.93 -17.48
N LEU A 80 -17.49 8.64 -16.70
CA LEU A 80 -17.82 10.02 -16.33
C LEU A 80 -17.10 10.90 -17.36
N CYS A 81 -17.88 11.64 -18.16
CA CYS A 81 -17.25 12.52 -19.11
C CYS A 81 -17.31 13.95 -18.57
N VAL A 82 -16.15 14.49 -18.18
CA VAL A 82 -16.15 15.69 -17.34
C VAL A 82 -15.65 16.92 -18.13
N PHE A 83 -16.38 18.07 -18.09
CA PHE A 83 -15.84 19.35 -18.52
C PHE A 83 -15.94 20.34 -17.36
N ALA A 84 -15.22 21.48 -17.44
CA ALA A 84 -15.41 22.53 -16.44
C ALA A 84 -16.32 23.59 -17.07
N ILE A 85 -17.21 24.18 -16.27
CA ILE A 85 -18.20 25.13 -16.79
C ILE A 85 -17.56 26.47 -17.18
N ASN A 86 -16.30 26.68 -16.78
CA ASN A 86 -15.55 27.86 -17.16
C ASN A 86 -14.38 27.49 -18.09
N ASN A 87 -14.53 26.38 -18.82
CA ASN A 87 -13.52 25.95 -19.77
C ASN A 87 -14.25 25.51 -21.04
N THR A 88 -14.41 26.45 -21.98
CA THR A 88 -15.19 26.17 -23.18
C THR A 88 -14.53 25.06 -24.00
N LYS A 89 -13.21 25.15 -24.17
CA LYS A 89 -12.46 24.10 -24.83
C LYS A 89 -12.75 22.70 -24.27
N SER A 90 -12.73 22.56 -22.91
CA SER A 90 -13.03 21.28 -22.26
C SER A 90 -14.41 20.72 -22.65
N PHE A 91 -15.38 21.61 -22.82
CA PHE A 91 -16.71 21.21 -23.24
C PHE A 91 -16.73 20.73 -24.70
N GLU A 92 -16.05 21.52 -25.55
CA GLU A 92 -15.91 21.19 -26.96
C GLU A 92 -15.25 19.82 -27.12
N ASP A 93 -14.28 19.51 -26.26
CA ASP A 93 -13.56 18.24 -26.25
C ASP A 93 -14.48 17.02 -26.00
N ILE A 94 -15.65 17.19 -25.37
CA ILE A 94 -16.45 16.04 -24.97
C ILE A 94 -16.79 15.18 -26.18
N HIS A 95 -17.06 15.84 -27.31
CA HIS A 95 -17.44 15.11 -28.52
C HIS A 95 -16.44 14.01 -28.86
N HIS A 96 -15.16 14.38 -28.74
CA HIS A 96 -14.05 13.48 -29.01
C HIS A 96 -14.03 12.29 -28.05
N TYR A 97 -14.17 12.53 -26.74
CA TYR A 97 -14.23 11.45 -25.76
C TYR A 97 -15.44 10.56 -26.02
N ARG A 98 -16.57 11.19 -26.35
CA ARG A 98 -17.71 10.32 -26.51
C ARG A 98 -17.49 9.44 -27.74
N GLU A 99 -17.08 10.08 -28.85
CA GLU A 99 -16.80 9.37 -30.10
C GLU A 99 -15.91 8.17 -29.84
N GLN A 100 -14.80 8.42 -29.14
CA GLN A 100 -13.78 7.40 -28.91
C GLN A 100 -14.28 6.27 -28.03
N ILE A 101 -15.09 6.59 -27.00
CA ILE A 101 -15.75 5.58 -26.17
C ILE A 101 -16.71 4.72 -26.99
N LYS A 102 -17.53 5.36 -27.82
CA LYS A 102 -18.41 4.64 -28.74
C LYS A 102 -17.65 3.65 -29.62
N ARG A 103 -16.46 4.07 -30.10
CA ARG A 103 -15.61 3.31 -31.01
C ARG A 103 -15.15 2.03 -30.33
N VAL A 104 -14.57 2.17 -29.14
CA VAL A 104 -14.03 1.06 -28.38
C VAL A 104 -15.14 0.08 -27.99
N LYS A 105 -16.35 0.59 -27.76
CA LYS A 105 -17.41 -0.27 -27.28
C LYS A 105 -18.24 -0.78 -28.45
N ASP A 106 -18.00 -0.21 -29.64
CA ASP A 106 -18.78 -0.44 -30.84
C ASP A 106 -20.28 -0.32 -30.55
N SER A 107 -20.70 0.77 -29.88
CA SER A 107 -22.06 0.88 -29.36
C SER A 107 -22.49 2.35 -29.17
N GLU A 108 -23.76 2.68 -29.48
CA GLU A 108 -24.26 4.01 -29.17
C GLU A 108 -24.78 4.09 -27.73
N ASP A 109 -24.87 2.93 -27.07
CA ASP A 109 -25.48 2.81 -25.75
C ASP A 109 -24.47 2.32 -24.72
N VAL A 110 -23.63 3.24 -24.24
CA VAL A 110 -22.60 2.93 -23.25
C VAL A 110 -22.96 3.72 -22.01
N PRO A 111 -22.92 3.11 -20.81
CA PRO A 111 -23.23 3.88 -19.60
C PRO A 111 -22.27 5.06 -19.44
N MET A 112 -22.87 6.26 -19.40
CA MET A 112 -22.05 7.47 -19.35
C MET A 112 -22.84 8.58 -18.67
N VAL A 113 -22.18 9.55 -18.03
CA VAL A 113 -22.84 10.69 -17.42
C VAL A 113 -22.00 11.89 -17.83
N LEU A 114 -22.65 12.96 -18.32
CA LEU A 114 -21.89 14.16 -18.61
C LEU A 114 -21.84 15.01 -17.35
N VAL A 115 -20.63 15.44 -16.95
CA VAL A 115 -20.47 16.17 -15.69
C VAL A 115 -19.93 17.56 -16.02
N GLY A 116 -20.63 18.63 -15.61
CA GLY A 116 -20.07 19.96 -15.78
C GLY A 116 -19.59 20.43 -14.39
N ASN A 117 -18.26 20.46 -14.20
CA ASN A 117 -17.66 20.70 -12.88
C ASN A 117 -17.27 22.17 -12.68
N LYS A 118 -16.95 22.56 -11.43
CA LYS A 118 -16.58 23.92 -11.04
C LYS A 118 -17.79 24.85 -10.96
N SER A 119 -18.90 24.28 -10.52
CA SER A 119 -20.18 24.99 -10.49
C SER A 119 -20.14 26.13 -9.49
N ASP A 120 -19.14 26.13 -8.59
CA ASP A 120 -18.95 27.19 -7.60
C ASP A 120 -18.33 28.47 -8.18
N LEU A 121 -17.73 28.35 -9.39
CA LEU A 121 -16.97 29.46 -9.96
C LEU A 121 -17.93 30.44 -10.61
N PRO A 122 -17.66 31.76 -10.49
CA PRO A 122 -18.60 32.70 -11.08
C PRO A 122 -18.41 32.76 -12.59
N SER A 123 -19.50 33.19 -13.25
CA SER A 123 -19.42 33.52 -14.66
C SER A 123 -18.93 32.33 -15.50
N ARG A 124 -19.81 31.34 -15.59
CA ARG A 124 -19.58 30.21 -16.46
C ARG A 124 -19.53 30.69 -17.91
N THR A 125 -18.68 30.04 -18.69
CA THR A 125 -18.67 30.25 -20.13
C THR A 125 -19.46 29.18 -20.89
N VAL A 126 -19.84 28.06 -20.26
CA VAL A 126 -20.69 27.07 -20.90
C VAL A 126 -22.00 27.07 -20.11
N ASP A 127 -23.13 27.44 -20.71
CA ASP A 127 -24.35 27.52 -19.92
C ASP A 127 -25.04 26.16 -19.77
N THR A 128 -25.98 26.08 -18.82
CA THR A 128 -26.66 24.82 -18.55
C THR A 128 -27.39 24.35 -19.81
N LYS A 129 -27.97 25.27 -20.61
CA LYS A 129 -28.59 24.87 -21.88
C LYS A 129 -27.67 24.09 -22.85
N GLN A 130 -26.44 24.56 -23.06
CA GLN A 130 -25.53 23.86 -23.95
C GLN A 130 -25.29 22.45 -23.39
N ALA A 131 -25.07 22.35 -22.07
CA ALA A 131 -24.75 21.07 -21.44
C ALA A 131 -25.97 20.17 -21.55
N GLN A 132 -27.17 20.71 -21.24
CA GLN A 132 -28.35 19.86 -21.37
C GLN A 132 -28.55 19.41 -22.82
N ASP A 133 -28.41 20.33 -23.80
CA ASP A 133 -28.60 19.96 -25.20
C ASP A 133 -27.70 18.80 -25.61
N LEU A 134 -26.46 18.84 -25.12
CA LEU A 134 -25.49 17.83 -25.50
C LEU A 134 -25.85 16.48 -24.87
N ALA A 135 -26.08 16.46 -23.55
CA ALA A 135 -26.54 15.26 -22.86
C ALA A 135 -27.78 14.67 -23.53
N ARG A 136 -28.76 15.51 -23.87
CA ARG A 136 -29.94 15.01 -24.53
C ARG A 136 -29.64 14.32 -25.85
N SER A 137 -28.78 14.95 -26.66
CA SER A 137 -28.36 14.39 -27.93
C SER A 137 -27.77 12.99 -27.75
N TYR A 138 -27.00 12.83 -26.68
CA TYR A 138 -26.33 11.58 -26.43
C TYR A 138 -27.22 10.56 -25.70
N GLY A 139 -28.38 10.99 -25.19
CA GLY A 139 -29.22 10.08 -24.41
C GLY A 139 -28.63 9.76 -23.04
N ILE A 140 -27.96 10.73 -22.40
CA ILE A 140 -27.26 10.47 -21.13
C ILE A 140 -27.63 11.53 -20.08
N PRO A 141 -27.46 11.26 -18.76
CA PRO A 141 -27.78 12.32 -17.81
C PRO A 141 -26.71 13.40 -17.82
N PHE A 142 -27.14 14.60 -17.41
CA PHE A 142 -26.20 15.69 -17.16
C PHE A 142 -26.22 16.04 -15.66
N ILE A 143 -25.06 16.16 -15.04
CA ILE A 143 -25.02 16.54 -13.63
C ILE A 143 -23.98 17.64 -13.46
N GLU A 144 -24.36 18.72 -12.78
CA GLU A 144 -23.39 19.76 -12.42
C GLU A 144 -22.73 19.49 -11.06
N THR A 145 -21.41 19.63 -10.97
CA THR A 145 -20.72 19.35 -9.72
C THR A 145 -19.89 20.56 -9.30
N SER A 146 -19.49 20.52 -8.04
CA SER A 146 -18.32 21.21 -7.53
C SER A 146 -17.45 20.26 -6.68
N ALA A 147 -16.22 19.97 -7.11
CA ALA A 147 -15.32 19.23 -6.24
C ALA A 147 -14.99 20.10 -5.03
N LYS A 148 -14.93 21.42 -5.25
CA LYS A 148 -14.57 22.29 -4.15
C LYS A 148 -15.53 22.14 -2.99
N THR A 149 -16.84 22.28 -3.27
CA THR A 149 -17.85 22.19 -2.23
C THR A 149 -18.43 20.79 -2.07
N ARG A 150 -17.99 19.81 -2.89
CA ARG A 150 -18.58 18.47 -2.96
C ARG A 150 -20.02 18.35 -3.49
N GLN A 151 -20.66 19.45 -3.88
CA GLN A 151 -22.00 19.36 -4.44
C GLN A 151 -22.14 18.58 -5.77
N GLY A 152 -23.18 17.73 -5.88
CA GLY A 152 -23.41 16.83 -7.00
C GLY A 152 -22.39 15.70 -7.14
N VAL A 153 -21.37 15.57 -6.25
CA VAL A 153 -20.27 14.63 -6.50
C VAL A 153 -20.80 13.20 -6.40
N ASP A 154 -21.54 12.94 -5.30
CA ASP A 154 -22.16 11.64 -5.08
C ASP A 154 -23.22 11.37 -6.13
N ASP A 155 -23.96 12.39 -6.48
CA ASP A 155 -24.99 12.23 -7.47
C ASP A 155 -24.37 11.75 -8.77
N ALA A 156 -23.21 12.29 -9.18
CA ALA A 156 -22.60 11.94 -10.44
C ALA A 156 -22.22 10.46 -10.45
N PHE A 157 -21.52 10.06 -9.38
CA PHE A 157 -21.00 8.69 -9.31
C PHE A 157 -22.12 7.66 -9.11
N TYR A 158 -23.14 7.96 -8.28
CA TYR A 158 -24.25 7.04 -8.05
C TYR A 158 -25.11 6.92 -9.29
N THR A 159 -25.29 8.06 -9.98
CA THR A 159 -26.06 8.03 -11.22
C THR A 159 -25.34 7.17 -12.25
N LEU A 160 -24.01 7.25 -12.26
CA LEU A 160 -23.27 6.39 -13.20
C LEU A 160 -23.49 4.90 -12.88
N VAL A 161 -23.37 4.52 -11.60
CA VAL A 161 -23.61 3.15 -11.17
C VAL A 161 -25.01 2.74 -11.60
N ARG A 162 -26.01 3.60 -11.37
CA ARG A 162 -27.35 3.33 -11.87
C ARG A 162 -27.47 3.16 -13.40
N GLU A 163 -26.71 3.93 -14.19
CA GLU A 163 -26.79 3.77 -15.64
C GLU A 163 -26.15 2.44 -16.06
N ILE A 164 -25.12 2.01 -15.32
CA ILE A 164 -24.52 0.69 -15.59
C ILE A 164 -25.56 -0.43 -15.39
N ARG A 165 -26.26 -0.42 -14.24
CA ARG A 165 -27.26 -1.44 -13.90
C ARG A 165 -28.36 -1.44 -14.96
N LYS A 166 -28.66 -0.25 -15.49
CA LYS A 166 -29.77 -0.14 -16.42
C LYS A 166 -29.37 -0.81 -17.72
N HIS A 167 -28.05 -0.89 -17.95
CA HIS A 167 -27.56 -1.46 -19.19
C HIS A 167 -27.32 -2.97 -19.07
N LYS A 168 -27.00 -3.48 -17.88
CA LYS A 168 -26.53 -4.86 -17.75
C LYS A 168 -26.82 -5.36 -16.34
N GLU A 169 -27.04 -6.68 -16.20
CA GLU A 169 -27.21 -7.30 -14.89
C GLU A 169 -25.89 -7.26 -14.12
N LYS A 170 -25.98 -6.94 -12.81
CA LYS A 170 -24.85 -6.73 -11.91
C LYS A 170 -24.99 -7.63 -10.68
N MET B 2 -9.59 -12.13 -3.86
CA MET B 2 -8.93 -10.95 -3.23
C MET B 2 -9.07 -11.07 -1.72
N THR B 3 -7.94 -11.04 -1.00
CA THR B 3 -7.97 -11.21 0.45
C THR B 3 -8.11 -9.84 1.11
N GLU B 4 -8.98 -9.75 2.12
CA GLU B 4 -9.21 -8.46 2.75
C GLU B 4 -8.37 -8.41 4.02
N TYR B 5 -7.84 -7.22 4.34
CA TYR B 5 -7.13 -7.02 5.61
C TYR B 5 -7.74 -5.80 6.30
N LYS B 6 -8.23 -6.00 7.53
CA LYS B 6 -8.84 -4.91 8.28
C LYS B 6 -7.78 -4.26 9.17
N LEU B 7 -7.37 -3.04 8.80
CA LEU B 7 -6.32 -2.29 9.48
C LEU B 7 -6.93 -1.10 10.22
N VAL B 8 -6.35 -0.74 11.37
CA VAL B 8 -6.80 0.44 12.08
C VAL B 8 -5.57 1.28 12.40
N VAL B 9 -5.67 2.57 12.10
CA VAL B 9 -4.61 3.53 12.38
C VAL B 9 -4.97 4.29 13.66
N VAL B 10 -4.11 4.16 14.68
CA VAL B 10 -4.43 4.78 15.97
C VAL B 10 -3.30 5.72 16.40
N GLY B 11 -3.60 6.57 17.41
CA GLY B 11 -2.62 7.53 17.90
C GLY B 11 -3.22 8.91 18.13
N ALA B 12 -2.45 9.80 18.78
CA ALA B 12 -2.91 11.14 19.14
C ALA B 12 -3.33 12.00 17.93
N CYS B 13 -4.22 12.98 18.18
CA CYS B 13 -4.50 14.00 17.18
C CYS B 13 -3.22 14.64 16.72
N GLY B 14 -3.11 14.82 15.40
CA GLY B 14 -2.07 15.59 14.75
C GLY B 14 -0.76 14.85 14.45
N VAL B 15 -0.71 13.52 14.68
CA VAL B 15 0.53 12.78 14.47
C VAL B 15 0.71 12.44 12.99
N GLY B 16 -0.39 12.54 12.23
CA GLY B 16 -0.35 12.34 10.78
C GLY B 16 -1.00 11.02 10.35
N LYS B 17 -1.94 10.48 11.14
CA LYS B 17 -2.77 9.31 10.81
C LYS B 17 -3.49 9.47 9.46
N SER B 18 -4.20 10.60 9.34
CA SER B 18 -4.89 10.89 8.10
C SER B 18 -3.91 11.05 6.94
N ALA B 19 -2.85 11.84 7.13
CA ALA B 19 -1.93 12.06 6.04
C ALA B 19 -1.25 10.77 5.59
N LEU B 20 -0.91 9.87 6.51
CA LEU B 20 -0.29 8.62 6.12
C LEU B 20 -1.23 7.82 5.22
N THR B 21 -2.50 7.71 5.67
CA THR B 21 -3.56 6.96 5.01
C THR B 21 -3.76 7.54 3.61
N ILE B 22 -3.90 8.88 3.51
CA ILE B 22 -4.07 9.56 2.23
C ILE B 22 -2.87 9.31 1.29
N GLN B 23 -1.67 9.20 1.87
CA GLN B 23 -0.52 8.92 1.03
C GLN B 23 -0.66 7.54 0.38
N LEU B 24 -0.69 6.48 1.21
CA LEU B 24 -0.85 5.10 0.75
C LEU B 24 -1.81 4.99 -0.44
N ILE B 25 -2.99 5.59 -0.31
CA ILE B 25 -3.97 5.61 -1.40
C ILE B 25 -3.54 6.49 -2.58
N GLN B 26 -3.39 7.80 -2.35
CA GLN B 26 -3.45 8.74 -3.46
C GLN B 26 -2.10 9.31 -3.83
N ASN B 27 -1.08 9.02 -3.04
CA ASN B 27 0.22 9.50 -3.47
C ASN B 27 0.22 11.03 -3.47
N HIS B 28 -0.71 11.66 -2.71
CA HIS B 28 -0.60 13.07 -2.31
C HIS B 28 -0.56 13.29 -0.80
N PHE B 29 0.33 14.22 -0.39
CA PHE B 29 0.46 14.72 0.97
C PHE B 29 -0.53 15.86 1.25
N VAL B 30 -1.52 15.65 2.15
CA VAL B 30 -2.48 16.68 2.55
C VAL B 30 -1.91 17.56 3.67
N ASP B 31 -2.24 18.86 3.64
CA ASP B 31 -1.67 19.84 4.56
C ASP B 31 -2.52 20.06 5.80
N GLU B 32 -3.82 19.78 5.69
CA GLU B 32 -4.73 20.23 6.73
C GLU B 32 -5.56 19.06 7.22
N TYR B 33 -5.90 18.17 6.28
CA TYR B 33 -7.01 17.24 6.40
C TYR B 33 -7.80 17.38 7.71
N ASP B 34 -9.11 17.51 7.56
CA ASP B 34 -10.07 17.73 8.62
C ASP B 34 -9.97 16.72 9.77
N PRO B 35 -9.79 17.15 11.05
CA PRO B 35 -9.57 16.23 12.16
C PRO B 35 -10.82 15.51 12.66
N THR B 36 -12.00 15.84 12.11
CA THR B 36 -13.22 15.20 12.60
C THR B 36 -13.66 14.08 11.65
N ILE B 37 -13.02 13.97 10.48
CA ILE B 37 -13.38 12.93 9.53
C ILE B 37 -12.70 11.62 9.92
N GLU B 38 -13.48 10.70 10.51
CA GLU B 38 -13.11 9.31 10.79
C GLU B 38 -13.79 8.41 9.77
N ASP B 39 -12.99 7.71 8.97
CA ASP B 39 -13.61 6.88 7.97
C ASP B 39 -12.69 5.71 7.66
N SER B 40 -13.21 4.88 6.76
CA SER B 40 -12.56 3.69 6.25
C SER B 40 -12.30 3.83 4.74
N TYR B 41 -11.08 3.44 4.36
CA TYR B 41 -10.58 3.57 3.01
C TYR B 41 -10.21 2.18 2.54
N ARG B 42 -10.27 2.01 1.22
CA ARG B 42 -9.93 0.76 0.58
C ARG B 42 -8.73 1.02 -0.31
N LYS B 43 -7.86 0.02 -0.35
CA LYS B 43 -6.82 0.01 -1.36
C LYS B 43 -6.54 -1.42 -1.78
N GLN B 44 -6.54 -1.58 -3.09
CA GLN B 44 -6.13 -2.83 -3.69
C GLN B 44 -4.64 -2.70 -3.99
N VAL B 45 -3.86 -3.64 -3.45
CA VAL B 45 -2.42 -3.65 -3.59
C VAL B 45 -1.99 -5.10 -3.73
N VAL B 46 -0.97 -5.38 -4.55
CA VAL B 46 -0.38 -6.71 -4.55
C VAL B 46 0.77 -6.71 -3.55
N ILE B 47 0.74 -7.64 -2.58
CA ILE B 47 1.80 -7.78 -1.57
C ILE B 47 2.25 -9.24 -1.61
N ASP B 48 3.52 -9.45 -2.02
CA ASP B 48 4.09 -10.80 -2.11
C ASP B 48 3.27 -11.77 -2.95
N GLY B 49 2.86 -11.31 -4.14
CA GLY B 49 2.14 -12.13 -5.10
C GLY B 49 0.67 -12.32 -4.73
N GLU B 50 0.20 -11.50 -3.79
CA GLU B 50 -1.16 -11.64 -3.27
C GLU B 50 -1.96 -10.34 -3.43
N THR B 51 -3.08 -10.45 -4.18
CA THR B 51 -3.94 -9.28 -4.33
C THR B 51 -4.68 -9.09 -3.02
N CYS B 52 -4.37 -7.99 -2.35
CA CYS B 52 -4.95 -7.64 -1.07
C CYS B 52 -5.93 -6.49 -1.32
N LEU B 53 -7.04 -6.54 -0.59
CA LEU B 53 -7.90 -5.38 -0.43
C LEU B 53 -7.83 -4.95 1.03
N LEU B 54 -7.10 -3.84 1.24
CA LEU B 54 -6.95 -3.27 2.56
C LEU B 54 -8.15 -2.40 2.92
N ASP B 55 -8.68 -2.62 4.14
CA ASP B 55 -9.76 -1.86 4.75
C ASP B 55 -9.19 -1.08 5.93
N ILE B 56 -8.89 0.21 5.72
CA ILE B 56 -8.19 1.03 6.72
C ILE B 56 -9.07 2.04 7.43
N LEU B 57 -9.22 1.84 8.74
CA LEU B 57 -9.96 2.78 9.57
C LEU B 57 -8.99 3.83 10.13
N ASP B 58 -9.21 5.11 9.71
CA ASP B 58 -8.45 6.27 10.11
C ASP B 58 -9.18 6.91 11.29
N THR B 59 -8.71 6.62 12.51
CA THR B 59 -9.47 7.05 13.68
C THR B 59 -9.36 8.55 13.80
N ALA B 60 -10.46 9.21 14.25
CA ALA B 60 -10.56 10.65 14.40
C ALA B 60 -11.66 11.00 15.41
N GLY B 61 -12.05 12.29 15.46
CA GLY B 61 -13.21 12.68 16.26
C GLY B 61 -12.89 12.76 17.76
N GLN B 62 -13.81 12.29 18.61
CA GLN B 62 -13.82 12.52 20.05
C GLN B 62 -13.20 11.34 20.80
N GLU B 63 -12.84 11.55 22.08
CA GLU B 63 -12.16 10.49 22.83
C GLU B 63 -13.10 9.32 23.12
N ALA B 67 -19.41 1.40 21.51
CA ALA B 67 -20.28 1.17 20.33
C ALA B 67 -19.57 1.66 19.05
N MET B 68 -19.78 0.93 17.95
CA MET B 68 -19.04 1.03 16.71
C MET B 68 -17.54 0.80 16.96
N ARG B 69 -16.64 1.53 16.26
CA ARG B 69 -15.21 1.45 16.51
C ARG B 69 -14.99 1.15 17.99
N ASP B 70 -14.41 -0.03 18.27
CA ASP B 70 -14.53 -0.78 19.51
C ASP B 70 -15.12 -2.12 19.10
N GLN B 71 -15.96 -2.03 18.05
CA GLN B 71 -16.28 -3.15 17.19
C GLN B 71 -15.27 -3.16 16.03
N TYR B 72 -14.91 -1.98 15.51
CA TYR B 72 -13.80 -1.90 14.58
C TYR B 72 -12.51 -2.27 15.30
N MET B 73 -12.39 -1.76 16.54
CA MET B 73 -11.30 -2.16 17.41
C MET B 73 -11.39 -3.65 17.70
N ARG B 74 -12.62 -4.21 17.82
CA ARG B 74 -12.77 -5.63 18.13
C ARG B 74 -12.40 -6.54 16.95
N THR B 75 -12.73 -6.13 15.72
CA THR B 75 -12.57 -6.97 14.53
C THR B 75 -11.34 -6.59 13.68
N GLY B 76 -10.67 -5.46 14.00
CA GLY B 76 -9.52 -5.05 13.20
C GLY B 76 -8.46 -6.13 13.32
N GLU B 77 -7.72 -6.41 12.24
CA GLU B 77 -6.81 -7.54 12.28
C GLU B 77 -5.40 -7.07 12.66
N GLY B 78 -5.12 -5.79 12.45
CA GLY B 78 -3.78 -5.27 12.68
C GLY B 78 -3.87 -3.76 12.89
N PHE B 79 -2.90 -3.21 13.65
CA PHE B 79 -3.02 -1.86 14.14
C PHE B 79 -1.73 -1.13 13.83
N LEU B 80 -1.88 0.06 13.24
CA LEU B 80 -0.74 0.95 13.11
C LEU B 80 -0.82 1.91 14.30
N CYS B 81 0.19 1.86 15.20
CA CYS B 81 0.20 2.75 16.36
C CYS B 81 1.15 3.90 16.08
N VAL B 82 0.61 5.10 15.85
CA VAL B 82 1.41 6.14 15.22
C VAL B 82 1.73 7.23 16.25
N PHE B 83 3.00 7.69 16.38
CA PHE B 83 3.33 8.91 17.13
C PHE B 83 4.10 9.83 16.17
N ALA B 84 4.28 11.13 16.52
CA ALA B 84 5.12 11.98 15.69
C ALA B 84 6.46 12.14 16.40
N ILE B 85 7.60 12.21 15.69
CA ILE B 85 8.90 12.19 16.33
C ILE B 85 9.20 13.54 16.98
N ASN B 86 8.35 14.55 16.73
CA ASN B 86 8.48 15.85 17.35
C ASN B 86 7.27 16.14 18.26
N ASN B 87 6.66 15.06 18.75
CA ASN B 87 5.54 15.14 19.69
C ASN B 87 5.74 14.10 20.79
N THR B 88 6.39 14.52 21.88
CA THR B 88 6.78 13.62 22.95
C THR B 88 5.54 13.04 23.60
N LYS B 89 4.54 13.89 23.82
CA LYS B 89 3.26 13.43 24.36
C LYS B 89 2.63 12.31 23.51
N SER B 90 2.64 12.47 22.18
CA SER B 90 2.10 11.43 21.30
C SER B 90 2.82 10.09 21.50
N PHE B 91 4.12 10.13 21.76
CA PHE B 91 4.88 8.91 21.98
C PHE B 91 4.55 8.28 23.35
N GLU B 92 4.49 9.12 24.39
CA GLU B 92 4.03 8.72 25.72
C GLU B 92 2.65 8.07 25.67
N ASP B 93 1.74 8.58 24.82
CA ASP B 93 0.39 8.04 24.63
C ASP B 93 0.34 6.61 24.07
N ILE B 94 1.42 6.12 23.41
CA ILE B 94 1.38 4.81 22.74
C ILE B 94 1.06 3.71 23.76
N HIS B 95 1.63 3.81 24.96
CA HIS B 95 1.40 2.79 25.96
C HIS B 95 -0.10 2.58 26.20
N HIS B 96 -0.84 3.69 26.24
CA HIS B 96 -2.28 3.67 26.41
C HIS B 96 -2.95 2.90 25.28
N TYR B 97 -2.60 3.21 24.01
CA TYR B 97 -3.21 2.57 22.86
C TYR B 97 -2.86 1.09 22.86
N ARG B 98 -1.59 0.77 23.16
CA ARG B 98 -1.25 -0.64 23.18
C ARG B 98 -2.08 -1.39 24.23
N GLU B 99 -2.07 -0.91 25.47
CA GLU B 99 -2.85 -1.45 26.59
C GLU B 99 -4.29 -1.76 26.16
N GLN B 100 -4.94 -0.76 25.55
CA GLN B 100 -6.35 -0.85 25.22
C GLN B 100 -6.57 -1.89 24.11
N ILE B 101 -5.67 -1.95 23.11
CA ILE B 101 -5.74 -2.95 22.06
C ILE B 101 -5.54 -4.36 22.63
N LYS B 102 -4.58 -4.52 23.54
CA LYS B 102 -4.38 -5.78 24.24
C LYS B 102 -5.66 -6.25 24.93
N ARG B 103 -6.37 -5.31 25.57
CA ARG B 103 -7.59 -5.56 26.36
C ARG B 103 -8.72 -6.08 25.48
N VAL B 104 -9.00 -5.34 24.40
CA VAL B 104 -10.00 -5.66 23.39
C VAL B 104 -9.74 -7.03 22.75
N LYS B 105 -8.47 -7.41 22.58
CA LYS B 105 -8.15 -8.67 21.92
C LYS B 105 -7.87 -9.78 22.93
N ASP B 106 -7.78 -9.42 24.22
CA ASP B 106 -7.38 -10.31 25.30
C ASP B 106 -6.13 -11.10 24.91
N SER B 107 -5.11 -10.42 24.36
CA SER B 107 -3.92 -11.09 23.85
C SER B 107 -2.70 -10.16 23.91
N GLU B 108 -1.52 -10.73 24.20
CA GLU B 108 -0.29 -9.95 24.14
C GLU B 108 0.26 -9.95 22.72
N ASP B 109 -0.37 -10.73 21.83
CA ASP B 109 0.14 -11.02 20.49
C ASP B 109 -0.82 -10.53 19.41
N VAL B 110 -0.89 -9.20 19.23
CA VAL B 110 -1.84 -8.63 18.28
C VAL B 110 -0.98 -8.03 17.19
N PRO B 111 -1.31 -8.24 15.89
CA PRO B 111 -0.45 -7.71 14.84
C PRO B 111 -0.44 -6.19 14.94
N MET B 112 0.74 -5.61 15.10
CA MET B 112 0.84 -4.18 15.36
C MET B 112 2.18 -3.66 14.83
N VAL B 113 2.29 -2.40 14.37
CA VAL B 113 3.58 -1.82 13.98
C VAL B 113 3.61 -0.45 14.65
N LEU B 114 4.75 -0.14 15.28
CA LEU B 114 4.89 1.18 15.85
C LEU B 114 5.45 2.10 14.77
N VAL B 115 4.74 3.23 14.53
CA VAL B 115 5.13 4.15 13.46
C VAL B 115 5.55 5.47 14.07
N GLY B 116 6.80 5.92 13.83
CA GLY B 116 7.20 7.26 14.24
C GLY B 116 7.20 8.15 12.99
N ASN B 117 6.18 9.00 12.88
CA ASN B 117 5.96 9.80 11.69
C ASN B 117 6.61 11.20 11.81
N LYS B 118 6.67 11.95 10.67
CA LYS B 118 7.22 13.31 10.56
C LYS B 118 8.74 13.31 10.56
N SER B 119 9.31 12.27 9.95
CA SER B 119 10.76 12.05 10.00
C SER B 119 11.53 13.13 9.22
N ASP B 120 10.82 13.92 8.41
CA ASP B 120 11.33 15.04 7.63
C ASP B 120 11.57 16.29 8.49
N LEU B 121 10.95 16.33 9.68
CA LEU B 121 11.03 17.51 10.51
C LEU B 121 12.37 17.55 11.22
N PRO B 122 12.99 18.75 11.35
CA PRO B 122 14.26 18.82 12.06
C PRO B 122 14.05 18.69 13.57
N SER B 123 15.11 18.25 14.23
CA SER B 123 15.16 18.24 15.68
C SER B 123 14.02 17.41 16.31
N ARG B 124 14.17 16.09 16.23
CA ARG B 124 13.21 15.22 16.84
C ARG B 124 13.35 15.33 18.35
N THR B 125 12.21 15.26 19.05
CA THR B 125 12.19 15.19 20.50
C THR B 125 12.08 13.75 21.00
N VAL B 126 11.73 12.76 20.14
CA VAL B 126 11.77 11.35 20.49
C VAL B 126 12.86 10.70 19.64
N ASP B 127 13.97 10.19 20.22
CA ASP B 127 15.04 9.67 19.36
C ASP B 127 14.74 8.23 18.97
N THR B 128 15.42 7.71 17.93
CA THR B 128 15.09 6.38 17.44
C THR B 128 15.36 5.34 18.54
N LYS B 129 16.37 5.54 19.40
CA LYS B 129 16.55 4.60 20.52
C LYS B 129 15.32 4.44 21.43
N GLN B 130 14.62 5.52 21.78
CA GLN B 130 13.40 5.41 22.58
C GLN B 130 12.37 4.57 21.83
N ALA B 131 12.22 4.84 20.52
CA ALA B 131 11.24 4.19 19.68
C ALA B 131 11.63 2.74 19.55
N GLN B 132 12.92 2.45 19.30
CA GLN B 132 13.27 1.04 19.18
C GLN B 132 13.05 0.29 20.51
N ASP B 133 13.46 0.89 21.64
CA ASP B 133 13.29 0.26 22.95
C ASP B 133 11.83 -0.15 23.20
N LEU B 134 10.92 0.72 22.77
CA LEU B 134 9.52 0.52 23.08
C LEU B 134 9.00 -0.63 22.21
N ALA B 135 9.30 -0.55 20.91
CA ALA B 135 8.92 -1.60 19.96
C ALA B 135 9.50 -2.96 20.40
N ARG B 136 10.78 -2.96 20.82
CA ARG B 136 11.35 -4.20 21.29
C ARG B 136 10.60 -4.76 22.50
N SER B 137 10.27 -3.87 23.44
CA SER B 137 9.51 -4.32 24.60
C SER B 137 8.21 -5.00 24.20
N TYR B 138 7.54 -4.41 23.18
CA TYR B 138 6.27 -4.94 22.74
C TYR B 138 6.36 -6.14 21.79
N GLY B 139 7.55 -6.47 21.30
CA GLY B 139 7.67 -7.54 20.30
C GLY B 139 7.15 -7.13 18.92
N ILE B 140 7.26 -5.85 18.54
CA ILE B 140 6.66 -5.39 17.27
C ILE B 140 7.70 -4.64 16.42
N PRO B 141 7.52 -4.52 15.08
CA PRO B 141 8.42 -3.69 14.29
C PRO B 141 8.24 -2.21 14.60
N PHE B 142 9.33 -1.46 14.39
CA PHE B 142 9.28 0.00 14.42
C PHE B 142 9.61 0.52 13.03
N ILE B 143 8.81 1.44 12.50
CA ILE B 143 9.12 1.99 11.18
C ILE B 143 8.99 3.50 11.26
N GLU B 144 10.00 4.21 10.74
CA GLU B 144 9.92 5.67 10.67
C GLU B 144 9.31 6.14 9.35
N THR B 145 8.36 7.05 9.38
CA THR B 145 7.72 7.49 8.15
C THR B 145 7.86 9.01 8.02
N SER B 146 7.67 9.49 6.77
CA SER B 146 7.18 10.84 6.52
C SER B 146 5.95 10.80 5.60
N ALA B 147 4.77 11.25 6.04
CA ALA B 147 3.66 11.39 5.09
C ALA B 147 3.99 12.49 4.09
N LYS B 148 4.78 13.51 4.50
CA LYS B 148 5.08 14.57 3.56
C LYS B 148 5.85 14.08 2.35
N THR B 149 6.91 13.29 2.56
CA THR B 149 7.78 12.85 1.48
C THR B 149 7.41 11.44 1.01
N ARG B 150 6.41 10.84 1.68
CA ARG B 150 5.98 9.45 1.49
C ARG B 150 6.98 8.36 1.91
N GLN B 151 8.15 8.72 2.43
CA GLN B 151 9.11 7.73 2.89
C GLN B 151 8.61 6.80 4.02
N GLY B 152 8.90 5.48 3.91
CA GLY B 152 8.47 4.44 4.82
C GLY B 152 6.95 4.15 4.84
N VAL B 153 6.13 4.84 4.02
CA VAL B 153 4.68 4.75 4.13
C VAL B 153 4.22 3.33 3.74
N ASP B 154 4.69 2.89 2.56
CA ASP B 154 4.40 1.56 2.05
C ASP B 154 4.97 0.50 2.99
N ASP B 155 6.19 0.71 3.44
CA ASP B 155 6.85 -0.15 4.38
C ASP B 155 5.97 -0.35 5.62
N ALA B 156 5.37 0.73 6.15
CA ALA B 156 4.60 0.59 7.37
C ALA B 156 3.40 -0.32 7.11
N PHE B 157 2.67 -0.01 6.02
CA PHE B 157 1.41 -0.72 5.78
C PHE B 157 1.65 -2.15 5.33
N TYR B 158 2.68 -2.39 4.49
CA TYR B 158 2.99 -3.74 4.03
C TYR B 158 3.53 -4.59 5.17
N THR B 159 4.31 -3.97 6.05
CA THR B 159 4.83 -4.72 7.18
C THR B 159 3.67 -5.12 8.08
N LEU B 160 2.68 -4.23 8.21
CA LEU B 160 1.50 -4.60 9.00
C LEU B 160 0.77 -5.82 8.40
N VAL B 161 0.45 -5.79 7.11
CA VAL B 161 -0.12 -6.94 6.41
C VAL B 161 0.72 -8.19 6.69
N ARG B 162 2.03 -8.08 6.56
CA ARG B 162 2.85 -9.25 6.85
C ARG B 162 2.75 -9.73 8.30
N GLU B 163 2.62 -8.82 9.29
CA GLU B 163 2.47 -9.19 10.68
C GLU B 163 1.14 -9.90 10.89
N ILE B 164 0.10 -9.45 10.15
CA ILE B 164 -1.17 -10.17 10.24
C ILE B 164 -1.03 -11.62 9.74
N ARG B 165 -0.37 -11.82 8.59
CA ARG B 165 -0.20 -13.15 8.00
C ARG B 165 0.57 -14.03 8.98
N LYS B 166 1.46 -13.43 9.76
CA LYS B 166 2.33 -14.20 10.61
C LYS B 166 1.52 -14.72 11.79
N HIS B 167 0.42 -14.01 12.08
CA HIS B 167 -0.39 -14.33 13.22
C HIS B 167 -1.51 -15.29 12.84
N LYS B 168 -1.98 -15.27 11.58
CA LYS B 168 -3.17 -16.04 11.22
C LYS B 168 -3.19 -16.33 9.73
N GLU B 169 -3.81 -17.45 9.35
CA GLU B 169 -3.96 -17.79 7.93
C GLU B 169 -4.91 -16.81 7.26
N LYS B 170 -4.55 -16.38 6.05
CA LYS B 170 -5.29 -15.39 5.27
C LYS B 170 -5.56 -15.93 3.87
N MET C 2 27.73 4.46 13.52
CA MET C 2 27.24 3.50 12.49
C MET C 2 27.07 2.12 13.13
N THR C 3 25.85 1.58 13.10
CA THR C 3 25.59 0.28 13.68
C THR C 3 25.84 -0.80 12.64
N GLU C 4 26.51 -1.88 13.05
CA GLU C 4 26.74 -2.98 12.13
C GLU C 4 25.66 -4.05 12.35
N TYR C 5 25.26 -4.68 11.24
CA TYR C 5 24.34 -5.81 11.26
C TYR C 5 24.93 -6.97 10.46
N LYS C 6 25.17 -8.09 11.13
CA LYS C 6 25.75 -9.25 10.46
C LYS C 6 24.64 -10.15 9.92
N LEU C 7 24.50 -10.17 8.58
CA LEU C 7 23.44 -10.87 7.87
C LEU C 7 24.05 -12.06 7.13
N VAL C 8 23.32 -13.18 7.05
CA VAL C 8 23.78 -14.31 6.26
C VAL C 8 22.65 -14.71 5.32
N VAL C 9 23.01 -14.95 4.06
CA VAL C 9 22.03 -15.40 3.07
C VAL C 9 22.24 -16.88 2.82
N VAL C 10 21.19 -17.67 3.06
CA VAL C 10 21.35 -19.12 2.94
C VAL C 10 20.28 -19.65 2.00
N GLY C 11 20.50 -20.88 1.53
CA GLY C 11 19.57 -21.49 0.59
C GLY C 11 20.30 -22.27 -0.51
N ALA C 12 19.53 -23.10 -1.24
CA ALA C 12 20.09 -24.00 -2.26
C ALA C 12 20.89 -23.24 -3.34
N CYS C 13 21.83 -23.95 -4.00
CA CYS C 13 22.43 -23.43 -5.22
C CYS C 13 21.35 -23.03 -6.21
N GLY C 14 21.56 -21.86 -6.80
CA GLY C 14 20.79 -21.36 -7.92
C GLY C 14 19.51 -20.60 -7.56
N VAL C 15 19.23 -20.38 -6.26
CA VAL C 15 17.97 -19.71 -5.89
C VAL C 15 18.02 -18.20 -6.12
N GLY C 16 19.24 -17.66 -6.22
CA GLY C 16 19.48 -16.25 -6.48
C GLY C 16 19.99 -15.48 -5.25
N LYS C 17 20.74 -16.17 -4.38
CA LYS C 17 21.36 -15.58 -3.20
C LYS C 17 22.38 -14.51 -3.63
N SER C 18 23.27 -14.89 -4.55
CA SER C 18 24.22 -13.93 -5.10
C SER C 18 23.52 -12.79 -5.82
N ALA C 19 22.57 -13.08 -6.70
CA ALA C 19 21.89 -11.99 -7.40
C ALA C 19 21.13 -11.04 -6.47
N LEU C 20 20.50 -11.53 -5.41
CA LEU C 20 19.78 -10.63 -4.52
C LEU C 20 20.75 -9.64 -3.85
N THR C 21 21.89 -10.17 -3.40
CA THR C 21 22.92 -9.44 -2.67
C THR C 21 23.49 -8.40 -3.63
N ILE C 22 23.96 -8.84 -4.81
CA ILE C 22 24.48 -7.92 -5.83
C ILE C 22 23.47 -6.80 -6.14
N GLN C 23 22.18 -7.14 -6.20
CA GLN C 23 21.17 -6.12 -6.39
C GLN C 23 21.22 -5.07 -5.27
N LEU C 24 21.09 -5.52 -4.02
CA LEU C 24 21.04 -4.61 -2.87
C LEU C 24 22.20 -3.63 -2.96
N ILE C 25 23.43 -4.15 -3.12
CA ILE C 25 24.62 -3.32 -3.30
C ILE C 25 24.49 -2.44 -4.55
N GLN C 26 24.39 -3.04 -5.75
CA GLN C 26 24.71 -2.31 -6.98
C GLN C 26 23.55 -1.94 -7.89
N ASN C 27 22.33 -2.31 -7.54
CA ASN C 27 21.19 -1.89 -8.34
C ASN C 27 21.39 -2.36 -9.79
N HIS C 28 22.10 -3.51 -9.95
CA HIS C 28 22.09 -4.27 -11.19
C HIS C 28 21.86 -5.78 -10.99
N PHE C 29 21.09 -6.36 -11.91
CA PHE C 29 20.81 -7.80 -11.95
C PHE C 29 21.88 -8.58 -12.74
N VAL C 30 22.62 -9.50 -12.09
CA VAL C 30 23.60 -10.33 -12.81
C VAL C 30 22.98 -11.64 -13.33
N ASP C 31 23.43 -12.08 -14.54
CA ASP C 31 23.00 -13.32 -15.18
C ASP C 31 23.79 -14.56 -14.73
N GLU C 32 25.06 -14.39 -14.34
CA GLU C 32 25.97 -15.52 -14.44
C GLU C 32 26.62 -15.87 -13.11
N TYR C 33 26.58 -14.93 -12.17
CA TYR C 33 27.52 -14.89 -11.06
C TYR C 33 28.03 -16.26 -10.62
N ASP C 34 29.36 -16.33 -10.53
CA ASP C 34 30.14 -17.49 -10.15
C ASP C 34 29.69 -18.14 -8.83
N PRO C 35 29.29 -19.44 -8.89
CA PRO C 35 28.76 -20.18 -7.73
C PRO C 35 29.76 -20.62 -6.66
N THR C 36 31.06 -20.44 -6.93
CA THR C 36 32.08 -20.82 -5.95
C THR C 36 32.55 -19.58 -5.18
N ILE C 37 32.14 -18.38 -5.62
CA ILE C 37 32.45 -17.13 -4.91
C ILE C 37 31.52 -16.97 -3.69
N GLU C 38 32.04 -17.31 -2.49
CA GLU C 38 31.40 -17.03 -1.21
C GLU C 38 32.12 -15.88 -0.54
N ASP C 39 31.40 -14.77 -0.32
CA ASP C 39 32.10 -13.65 0.27
C ASP C 39 31.15 -12.83 1.12
N SER C 40 31.73 -11.77 1.71
CA SER C 40 31.11 -10.86 2.62
C SER C 40 31.09 -9.47 1.98
N TYR C 41 29.92 -8.84 1.96
CA TYR C 41 29.75 -7.54 1.34
C TYR C 41 29.28 -6.56 2.40
N ARG C 42 29.64 -5.30 2.18
CA ARG C 42 29.23 -4.23 3.06
C ARG C 42 28.31 -3.30 2.30
N LYS C 43 27.35 -2.73 3.04
CA LYS C 43 26.51 -1.69 2.53
C LYS C 43 26.05 -0.78 3.65
N GLN C 44 26.25 0.51 3.41
CA GLN C 44 25.73 1.54 4.27
C GLN C 44 24.36 1.93 3.70
N VAL C 45 23.36 1.98 4.58
CA VAL C 45 21.97 2.28 4.28
C VAL C 45 21.43 2.98 5.53
N VAL C 46 20.57 3.98 5.37
CA VAL C 46 19.84 4.51 6.51
C VAL C 46 18.53 3.73 6.57
N ILE C 47 18.23 3.13 7.74
CA ILE C 47 16.97 2.41 7.92
C ILE C 47 16.32 2.97 9.17
N ASP C 48 15.14 3.58 9.00
CA ASP C 48 14.45 4.23 10.10
C ASP C 48 15.31 5.23 10.89
N GLY C 49 15.90 6.19 10.18
CA GLY C 49 16.70 7.23 10.81
C GLY C 49 18.04 6.72 11.36
N GLU C 50 18.42 5.48 11.02
CA GLU C 50 19.64 4.88 11.55
C GLU C 50 20.63 4.48 10.46
N THR C 51 21.87 4.99 10.62
CA THR C 51 22.95 4.60 9.73
C THR C 51 23.46 3.20 10.10
N CYS C 52 23.16 2.27 9.20
CA CYS C 52 23.49 0.86 9.34
C CYS C 52 24.61 0.59 8.35
N LEU C 53 25.56 -0.23 8.80
CA LEU C 53 26.52 -0.85 7.91
C LEU C 53 26.24 -2.35 7.95
N LEU C 54 25.62 -2.81 6.85
CA LEU C 54 25.28 -4.22 6.74
C LEU C 54 26.49 -5.01 6.27
N ASP C 55 26.74 -6.12 6.97
CA ASP C 55 27.77 -7.10 6.67
C ASP C 55 27.10 -8.41 6.23
N ILE C 56 27.07 -8.67 4.91
CA ILE C 56 26.28 -9.74 4.32
C ILE C 56 27.14 -10.88 3.78
N LEU C 57 26.94 -12.07 4.36
CA LEU C 57 27.67 -13.23 3.89
C LEU C 57 26.78 -13.99 2.90
N ASP C 58 27.26 -14.11 1.66
CA ASP C 58 26.57 -14.78 0.57
C ASP C 58 27.15 -16.19 0.50
N THR C 59 26.43 -17.16 1.06
CA THR C 59 27.01 -18.49 1.20
C THR C 59 27.13 -19.10 -0.20
N ALA C 60 28.18 -19.90 -0.45
CA ALA C 60 28.40 -20.56 -1.73
C ALA C 60 29.29 -21.80 -1.54
N GLY C 61 29.86 -22.34 -2.63
CA GLY C 61 30.85 -23.41 -2.49
C GLY C 61 30.21 -24.79 -2.33
N GLN C 62 30.78 -25.62 -1.45
CA GLN C 62 30.32 -27.00 -1.26
C GLN C 62 29.73 -27.18 0.13
N GLU C 63 29.18 -28.37 0.42
CA GLU C 63 28.27 -28.54 1.55
C GLU C 63 29.05 -28.72 2.86
N ASP C 70 31.68 -22.49 10.40
CA ASP C 70 30.54 -22.42 11.35
C ASP C 70 30.53 -21.07 12.07
N GLN C 71 31.53 -20.22 11.77
CA GLN C 71 31.80 -19.01 12.54
C GLN C 71 30.84 -17.86 12.20
N TYR C 72 30.55 -17.67 10.91
CA TYR C 72 29.60 -16.65 10.50
C TYR C 72 28.22 -17.14 10.89
N MET C 73 28.00 -18.45 10.80
CA MET C 73 26.76 -19.03 11.26
C MET C 73 26.57 -18.79 12.76
N ARG C 74 27.63 -18.96 13.57
CA ARG C 74 27.51 -18.75 15.01
C ARG C 74 27.32 -17.26 15.36
N THR C 75 27.94 -16.33 14.61
CA THR C 75 27.87 -14.93 15.01
C THR C 75 26.86 -14.10 14.23
N GLY C 76 26.33 -14.63 13.11
CA GLY C 76 25.40 -13.92 12.26
C GLY C 76 24.22 -13.49 13.11
N GLU C 77 23.71 -12.27 12.89
CA GLU C 77 22.63 -11.80 13.75
C GLU C 77 21.27 -12.08 13.14
N GLY C 78 21.24 -12.18 11.81
CA GLY C 78 20.00 -12.51 11.11
C GLY C 78 20.24 -13.25 9.80
N PHE C 79 19.24 -14.04 9.37
CA PHE C 79 19.39 -14.95 8.24
C PHE C 79 18.28 -14.71 7.23
N LEU C 80 18.70 -14.58 5.97
CA LEU C 80 17.76 -14.62 4.86
C LEU C 80 17.74 -16.07 4.39
N CYS C 81 16.58 -16.76 4.52
CA CYS C 81 16.49 -18.14 4.05
C CYS C 81 15.77 -18.14 2.72
N VAL C 82 16.50 -18.41 1.64
CA VAL C 82 15.99 -18.05 0.32
C VAL C 82 15.65 -19.32 -0.46
N PHE C 83 14.46 -19.38 -1.11
CA PHE C 83 14.15 -20.45 -2.08
C PHE C 83 13.74 -19.77 -3.38
N ALA C 84 13.66 -20.54 -4.50
CA ALA C 84 13.13 -19.95 -5.71
C ALA C 84 11.70 -20.46 -5.91
N ILE C 85 10.78 -19.65 -6.43
CA ILE C 85 9.37 -20.04 -6.47
C ILE C 85 9.14 -21.07 -7.57
N ASN C 86 10.16 -21.30 -8.42
CA ASN C 86 10.08 -22.32 -9.45
C ASN C 86 11.09 -23.45 -9.21
N ASN C 87 11.45 -23.67 -7.94
CA ASN C 87 12.38 -24.71 -7.54
C ASN C 87 11.84 -25.34 -6.26
N THR C 88 11.01 -26.38 -6.43
CA THR C 88 10.33 -27.04 -5.33
C THR C 88 11.32 -27.62 -4.33
N LYS C 89 12.36 -28.33 -4.81
CA LYS C 89 13.43 -28.82 -3.96
C LYS C 89 14.03 -27.73 -3.07
N SER C 90 14.31 -26.54 -3.64
CA SER C 90 14.86 -25.43 -2.87
C SER C 90 13.97 -25.03 -1.70
N PHE C 91 12.66 -25.06 -1.93
CA PHE C 91 11.70 -24.78 -0.87
C PHE C 91 11.68 -25.89 0.20
N GLU C 92 11.65 -27.14 -0.27
CA GLU C 92 11.77 -28.27 0.64
C GLU C 92 13.01 -28.20 1.52
N ASP C 93 14.15 -27.74 0.96
CA ASP C 93 15.42 -27.56 1.66
C ASP C 93 15.31 -26.59 2.85
N ILE C 94 14.34 -25.64 2.87
CA ILE C 94 14.34 -24.59 3.89
C ILE C 94 14.33 -25.20 5.29
N HIS C 95 13.58 -26.29 5.43
CA HIS C 95 13.47 -26.90 6.74
C HIS C 95 14.85 -27.21 7.34
N HIS C 96 15.72 -27.76 6.49
CA HIS C 96 17.05 -28.16 6.91
C HIS C 96 17.86 -26.93 7.31
N TYR C 97 17.74 -25.82 6.55
CA TYR C 97 18.46 -24.59 6.87
C TYR C 97 17.93 -24.02 8.18
N ARG C 98 16.60 -24.01 8.31
CA ARG C 98 16.10 -23.46 9.53
C ARG C 98 16.56 -24.30 10.72
N GLU C 99 16.39 -25.62 10.62
CA GLU C 99 16.80 -26.56 11.67
C GLU C 99 18.23 -26.30 12.12
N GLN C 100 19.15 -26.11 11.15
CA GLN C 100 20.57 -25.99 11.45
C GLN C 100 20.90 -24.64 12.08
N ILE C 101 20.22 -23.56 11.65
CA ILE C 101 20.35 -22.26 12.30
C ILE C 101 19.86 -22.31 13.75
N LYS C 102 18.70 -22.94 14.00
CA LYS C 102 18.17 -23.12 15.35
C LYS C 102 19.19 -23.81 16.28
N ARG C 103 19.86 -24.83 15.74
CA ARG C 103 20.84 -25.64 16.47
C ARG C 103 22.05 -24.80 16.88
N VAL C 104 22.65 -24.11 15.91
CA VAL C 104 23.78 -23.21 16.15
C VAL C 104 23.43 -22.14 17.18
N LYS C 105 22.20 -21.63 17.14
CA LYS C 105 21.85 -20.52 18.02
C LYS C 105 21.25 -21.02 19.33
N ASP C 106 20.93 -22.32 19.37
CA ASP C 106 20.27 -22.93 20.52
C ASP C 106 19.00 -22.14 20.87
N SER C 107 18.16 -21.81 19.86
CA SER C 107 16.99 -20.95 20.02
C SER C 107 15.92 -21.20 18.94
N GLU C 108 14.62 -21.08 19.30
CA GLU C 108 13.55 -21.12 18.29
C GLU C 108 13.23 -19.71 17.81
N ASP C 109 13.93 -18.73 18.39
CA ASP C 109 13.70 -17.32 18.11
C ASP C 109 14.98 -16.65 17.56
N VAL C 110 15.29 -16.90 16.29
CA VAL C 110 16.46 -16.30 15.64
C VAL C 110 15.91 -15.35 14.57
N PRO C 111 16.44 -14.12 14.42
CA PRO C 111 15.97 -13.20 13.39
C PRO C 111 16.18 -13.81 12.01
N MET C 112 15.06 -13.95 11.29
CA MET C 112 15.09 -14.71 10.04
C MET C 112 13.95 -14.20 9.16
N VAL C 113 14.10 -14.20 7.82
CA VAL C 113 13.04 -13.83 6.88
C VAL C 113 13.05 -14.93 5.81
N LEU C 114 11.85 -15.44 5.47
CA LEU C 114 11.79 -16.44 4.42
C LEU C 114 11.64 -15.67 3.12
N VAL C 115 12.52 -15.96 2.15
CA VAL C 115 12.48 -15.23 0.89
C VAL C 115 12.11 -16.18 -0.25
N GLY C 116 11.03 -15.87 -0.99
CA GLY C 116 10.77 -16.65 -2.20
C GLY C 116 11.12 -15.79 -3.41
N ASN C 117 12.22 -16.18 -4.05
CA ASN C 117 12.83 -15.42 -5.14
C ASN C 117 12.34 -15.94 -6.51
N LYS C 118 12.67 -15.15 -7.56
CA LYS C 118 12.29 -15.37 -8.95
C LYS C 118 10.80 -15.15 -9.24
N SER C 119 10.26 -14.11 -8.60
CA SER C 119 8.84 -13.83 -8.67
C SER C 119 8.42 -13.39 -10.07
N ASP C 120 9.38 -13.01 -10.93
CA ASP C 120 9.10 -12.58 -12.29
C ASP C 120 8.90 -13.77 -13.24
N LEU C 121 9.24 -14.97 -12.76
CA LEU C 121 9.15 -16.14 -13.62
C LEU C 121 7.73 -16.66 -13.66
N PRO C 122 7.30 -17.11 -14.86
CA PRO C 122 5.95 -17.62 -15.03
C PRO C 122 5.81 -18.99 -14.36
N SER C 123 4.59 -19.25 -13.88
CA SER C 123 4.28 -20.60 -13.45
C SER C 123 5.15 -21.02 -12.27
N ARG C 124 4.81 -20.50 -11.10
CA ARG C 124 5.48 -20.95 -9.90
C ARG C 124 5.08 -22.39 -9.64
N THR C 125 6.03 -23.17 -9.09
CA THR C 125 5.75 -24.52 -8.61
C THR C 125 5.58 -24.56 -7.07
N VAL C 126 5.94 -23.48 -6.36
CA VAL C 126 5.64 -23.33 -4.94
C VAL C 126 4.65 -22.17 -4.81
N ASP C 127 3.42 -22.38 -4.35
CA ASP C 127 2.49 -21.24 -4.36
C ASP C 127 2.65 -20.41 -3.08
N THR C 128 2.02 -19.23 -3.11
CA THR C 128 2.23 -18.31 -2.01
C THR C 128 1.66 -18.93 -0.73
N LYS C 129 0.57 -19.71 -0.82
CA LYS C 129 0.03 -20.37 0.37
C LYS C 129 1.03 -21.28 1.08
N GLN C 130 1.75 -22.12 0.33
CA GLN C 130 2.81 -22.96 0.89
C GLN C 130 3.85 -22.10 1.62
N ALA C 131 4.26 -20.99 0.99
CA ALA C 131 5.30 -20.17 1.56
C ALA C 131 4.77 -19.45 2.79
N GLN C 132 3.56 -18.88 2.69
CA GLN C 132 3.01 -18.29 3.90
C GLN C 132 2.82 -19.30 5.04
N ASP C 133 2.25 -20.49 4.75
CA ASP C 133 2.14 -21.51 5.79
C ASP C 133 3.44 -21.81 6.54
N LEU C 134 4.53 -21.91 5.78
CA LEU C 134 5.82 -22.26 6.35
C LEU C 134 6.31 -21.11 7.24
N ALA C 135 6.27 -19.90 6.70
CA ALA C 135 6.69 -18.73 7.47
C ALA C 135 5.87 -18.59 8.77
N ARG C 136 4.56 -18.80 8.69
CA ARG C 136 3.71 -18.74 9.87
C ARG C 136 4.13 -19.78 10.92
N SER C 137 4.39 -21.01 10.46
CA SER C 137 4.83 -22.05 11.38
C SER C 137 6.08 -21.62 12.13
N TYR C 138 7.02 -20.99 11.40
CA TYR C 138 8.27 -20.57 11.99
C TYR C 138 8.18 -19.26 12.78
N GLY C 139 7.05 -18.54 12.67
CA GLY C 139 6.98 -17.25 13.32
C GLY C 139 7.84 -16.17 12.66
N ILE C 140 7.99 -16.23 11.32
CA ILE C 140 8.89 -15.29 10.63
C ILE C 140 8.17 -14.62 9.46
N PRO C 141 8.64 -13.43 8.98
CA PRO C 141 8.01 -12.84 7.79
C PRO C 141 8.32 -13.64 6.54
N PHE C 142 7.38 -13.56 5.57
CA PHE C 142 7.63 -14.07 4.22
C PHE C 142 7.66 -12.89 3.23
N ILE C 143 8.68 -12.86 2.36
CA ILE C 143 8.75 -11.79 1.38
C ILE C 143 9.07 -12.40 0.02
N GLU C 144 8.26 -12.04 -0.98
CA GLU C 144 8.52 -12.48 -2.35
C GLU C 144 9.42 -11.47 -3.07
N THR C 145 10.46 -11.97 -3.72
CA THR C 145 11.41 -11.09 -4.38
C THR C 145 11.57 -11.42 -5.86
N SER C 146 12.16 -10.48 -6.62
CA SER C 146 12.81 -10.74 -7.89
C SER C 146 14.13 -9.97 -7.93
N ALA C 147 15.24 -10.69 -7.97
CA ALA C 147 16.54 -10.08 -8.15
C ALA C 147 16.63 -9.50 -9.57
N LYS C 148 15.96 -10.14 -10.53
CA LYS C 148 15.97 -9.62 -11.89
C LYS C 148 15.38 -8.21 -11.95
N THR C 149 14.18 -8.00 -11.37
CA THR C 149 13.48 -6.73 -11.45
C THR C 149 13.71 -5.85 -10.21
N ARG C 150 14.40 -6.38 -9.20
CA ARG C 150 14.65 -5.73 -7.91
C ARG C 150 13.45 -5.66 -6.98
N GLN C 151 12.30 -6.16 -7.40
CA GLN C 151 11.13 -6.08 -6.54
C GLN C 151 11.31 -6.84 -5.22
N GLY C 152 10.92 -6.20 -4.10
CA GLY C 152 11.00 -6.73 -2.74
C GLY C 152 12.43 -6.94 -2.18
N VAL C 153 13.49 -6.56 -2.92
CA VAL C 153 14.86 -6.86 -2.51
C VAL C 153 15.15 -6.02 -1.26
N ASP C 154 14.87 -4.72 -1.36
CA ASP C 154 15.06 -3.84 -0.20
C ASP C 154 14.15 -4.24 0.96
N ASP C 155 12.89 -4.53 0.69
CA ASP C 155 11.98 -5.07 1.66
C ASP C 155 12.60 -6.23 2.43
N ALA C 156 13.21 -7.20 1.74
CA ALA C 156 13.74 -8.39 2.39
C ALA C 156 14.84 -8.02 3.39
N PHE C 157 15.82 -7.24 2.91
CA PHE C 157 16.95 -6.90 3.78
C PHE C 157 16.56 -5.94 4.89
N TYR C 158 15.65 -4.98 4.63
CA TYR C 158 15.26 -4.02 5.66
C TYR C 158 14.45 -4.71 6.72
N THR C 159 13.58 -5.63 6.27
CA THR C 159 12.74 -6.38 7.18
C THR C 159 13.66 -7.22 8.07
N LEU C 160 14.73 -7.78 7.50
CA LEU C 160 15.60 -8.58 8.35
C LEU C 160 16.27 -7.71 9.43
N VAL C 161 16.81 -6.54 9.05
CA VAL C 161 17.37 -5.61 10.01
C VAL C 161 16.34 -5.32 11.10
N ARG C 162 15.09 -5.03 10.72
CA ARG C 162 14.07 -4.80 11.72
C ARG C 162 13.83 -5.99 12.64
N GLU C 163 13.92 -7.23 12.11
CA GLU C 163 13.72 -8.40 12.96
C GLU C 163 14.89 -8.55 13.93
N ILE C 164 16.09 -8.13 13.49
CA ILE C 164 17.24 -8.17 14.42
C ILE C 164 17.00 -7.20 15.60
N ARG C 165 16.51 -5.98 15.29
CA ARG C 165 16.34 -4.98 16.34
C ARG C 165 15.25 -5.46 17.31
N LYS C 166 14.29 -6.22 16.77
CA LYS C 166 13.16 -6.65 17.57
C LYS C 166 13.67 -7.67 18.57
N HIS C 167 14.79 -8.31 18.22
CA HIS C 167 15.29 -9.38 19.05
C HIS C 167 16.29 -8.87 20.09
N LYS C 168 17.06 -7.82 19.80
CA LYS C 168 18.17 -7.40 20.64
C LYS C 168 18.42 -5.92 20.43
N GLU C 169 18.91 -5.21 21.47
CA GLU C 169 19.23 -3.80 21.33
C GLU C 169 20.44 -3.66 20.40
N LYS C 170 20.40 -2.65 19.52
CA LYS C 170 21.43 -2.37 18.53
C LYS C 170 21.95 -0.94 18.73
PB GDP D . -7.58 17.17 -13.69
O1B GDP D . -7.38 15.99 -12.79
O2B GDP D . -8.76 16.89 -14.61
O3B GDP D . -6.39 17.77 -14.40
O3A GDP D . -8.06 18.30 -12.62
PA GDP D . -7.75 18.56 -11.02
O1A GDP D . -6.22 18.42 -10.92
O2A GDP D . -8.68 17.89 -10.04
O5' GDP D . -8.11 20.12 -10.78
C5' GDP D . -7.51 21.04 -11.67
C4' GDP D . -7.56 22.32 -10.86
O4' GDP D . -8.87 22.87 -10.69
C3' GDP D . -7.08 22.09 -9.45
O3' GDP D . -6.34 23.27 -9.10
C2' GDP D . -8.32 22.05 -8.57
O2' GDP D . -8.06 22.58 -7.28
C1' GDP D . -9.27 22.93 -9.32
N9 GDP D . -10.61 22.43 -9.20
C8 GDP D . -11.04 21.16 -9.46
N7 GDP D . -12.34 21.03 -9.29
C5 GDP D . -12.77 22.27 -8.91
C6 GDP D . -14.08 22.78 -8.58
O6 GDP D . -15.16 22.20 -8.55
N1 GDP D . -13.97 24.09 -8.25
C2 GDP D . -12.85 24.90 -8.22
N2 GDP D . -13.18 26.19 -7.84
N3 GDP D . -11.68 24.44 -8.51
C4 GDP D . -11.71 23.14 -8.83
MG MG E . -5.66 14.68 -12.47
C24 IQC F . -11.45 5.87 -25.66
C25 IQC F . -10.67 4.76 -25.92
C14 IQC F . -7.76 10.05 -23.45
C28 IQC F . -7.35 5.93 -25.69
C13 IQC F . -7.38 10.91 -24.48
C27 IQC F . -8.74 6.19 -25.61
C22 IQC F . -9.54 7.30 -25.33
C17 IQC F . -8.85 8.56 -25.00
C23 IQC F . -10.90 7.11 -25.37
C19 IQC F . -7.85 10.63 -25.75
C26 IQC F . -9.30 4.94 -25.89
C18 IQC F . -8.56 9.47 -25.99
C15 IQC F . -8.45 8.89 -23.73
C11 IQC F . -6.74 12.13 -24.27
C9 IQC F . -7.05 12.59 -26.48
C36 IQC F . -3.50 16.98 -17.54
C35 IQC F . -3.40 15.47 -17.57
C33 IQC F . -4.83 14.97 -17.58
C1 IQC F . -6.39 15.47 -28.98
C3 IQC F . -7.26 15.63 -26.51
C38 IQC F . -6.47 14.19 -21.46
C40 IQC F . -5.88 11.81 -20.67
C6 IQC F . -7.47 16.49 -29.33
C4 IQC F . -8.39 16.54 -26.96
C37 IQC F . -5.65 14.00 -22.81
C41 IQC F . -5.75 11.67 -22.10
C42 IQC F . -6.37 13.44 -18.97
C43 IQC F . -4.46 13.86 -19.91
C2 IQC F . -6.67 14.78 -27.67
C39 IQC F . -5.82 13.29 -20.37
C31 IQC F . -11.82 8.27 -25.06
C7 IQC F . -9.80 17.20 -29.02
N29 IQC F . -7.07 4.66 -25.99
N20 IQC F . -7.61 11.43 -26.79
N10 IQC F . -6.67 12.98 -25.25
N30 IQC F . -8.26 4.08 -26.11
N12 IQC F . -6.18 12.63 -23.10
N32 IQC F . -5.15 14.17 -18.67
N5 IQC F . -8.65 16.46 -28.44
N8 IQC F . -6.94 13.32 -27.65
O34 IQC F . -5.56 15.26 -16.65
F21 IQC F . -8.98 9.25 -27.24
CL1 IQC F . -8.83 7.84 -22.44
PB GDP G . -4.16 13.21 12.46
O1B GDP G . -3.35 12.11 13.14
O2B GDP G . -5.06 12.54 11.46
O3B GDP G . -4.84 14.21 13.37
O3A GDP G . -3.05 14.02 11.60
PA GDP G . -2.99 14.71 10.09
O1A GDP G . -2.61 13.80 8.94
O2A GDP G . -4.27 15.54 10.05
O5' GDP G . -1.71 15.68 10.13
C5' GDP G . -1.65 16.61 11.20
C4' GDP G . -0.75 17.70 10.63
O4' GDP G . 0.63 17.36 10.50
C3' GDP G . -1.20 18.12 9.24
O3' GDP G . -1.00 19.52 9.16
C2' GDP G . -0.19 17.50 8.31
O2' GDP G . -0.07 18.27 7.13
C1' GDP G . 1.06 17.50 9.15
N9 GDP G . 1.77 16.28 8.88
C8 GDP G . 1.27 15.01 8.89
N7 GDP G . 2.19 14.11 8.61
C5 GDP G . 3.33 14.84 8.40
C6 GDP G . 4.66 14.45 8.08
O6 GDP G . 5.14 13.33 7.87
N1 GDP G . 5.42 15.57 8.02
C2 GDP G . 5.08 16.90 8.19
N2 GDP G . 6.14 17.76 8.02
N3 GDP G . 3.87 17.24 8.47
C4 GDP G . 3.07 16.18 8.57
MG MG H . -7.07 12.66 10.96
C24 IQC I . -8.77 0.02 21.88
C25 IQC I . -10.06 -0.45 22.01
C14 IQC I . -9.03 5.91 20.77
C28 IQC I . -12.03 2.50 22.28
C13 IQC I . -8.88 6.61 21.94
C27 IQC I . -10.76 1.88 22.11
C22 IQC I . -9.45 2.35 21.97
C17 IQC I . -9.21 3.81 21.93
C23 IQC I . -8.47 1.38 21.85
C19 IQC I . -8.80 5.88 23.11
C26 IQC I . -11.03 0.52 22.13
C18 IQC I . -8.98 4.51 23.08
C15 IQC I . -9.23 4.54 20.77
C11 IQC I . -8.62 7.97 21.98
C9 IQC I . -8.28 7.75 24.18
C36 IQC I . -7.60 14.96 16.40
C35 IQC I . -8.63 13.86 16.30
C33 IQC I . -7.92 12.54 16.05
C1 IQC I . -7.15 9.91 27.16
C3 IQC I . -6.12 9.87 24.85
C38 IQC I . -9.13 8.86 18.46
C40 IQC I . -7.39 10.27 19.64
C6 IQC I . -5.75 9.82 27.77
C4 IQC I . -4.72 9.70 25.40
C37 IQC I . -9.52 8.53 19.84
C41 IQC I . -8.28 10.35 20.96
C42 IQC I . -9.10 11.41 18.10
C43 IQC I . -7.61 10.21 17.08
C2 IQC I . -7.09 9.25 25.86
C39 IQC I . -8.31 10.14 18.43
C31 IQC I . -7.05 1.81 21.69
C7 IQC I . -3.38 9.53 27.57
N29 IQC I . -13.00 1.59 22.37
N20 IQC I . -8.58 6.47 24.28
N10 IQC I . -8.26 8.52 23.10
N30 IQC I . -12.39 0.42 22.28
N12 IQC I . -8.67 8.91 20.97
N32 IQC I . -8.26 11.51 16.92
N5 IQC I . -4.67 9.33 26.87
N8 IQC I . -8.02 8.22 25.42
O34 IQC I . -7.15 12.40 15.11
F21 IQC I . -8.90 3.84 24.23
CL1 IQC I . -9.47 3.83 19.25
PB GDP J . 22.96 -18.66 -6.05
O1B GDP J . 23.61 -19.91 -6.54
O2B GDP J . 23.93 -17.58 -5.64
O3B GDP J . 21.93 -18.86 -4.94
O3A GDP J . 22.17 -17.98 -7.29
PA GDP J . 22.54 -16.81 -8.41
O1A GDP J . 23.94 -17.28 -8.87
O2A GDP J . 22.27 -15.40 -7.95
O5' GDP J . 21.41 -16.99 -9.53
C5' GDP J . 21.27 -18.28 -10.09
C4' GDP J . 20.67 -17.99 -11.46
O4' GDP J . 19.33 -17.53 -11.41
C3' GDP J . 21.42 -16.88 -12.17
O3' GDP J . 21.43 -17.27 -13.54
C2' GDP J . 20.56 -15.64 -12.06
O2' GDP J . 20.70 -14.83 -13.23
C1' GDP J . 19.17 -16.25 -11.97
N9 GDP J . 18.33 -15.48 -11.09
C8 GDP J . 18.59 -15.07 -9.81
N7 GDP J . 17.59 -14.39 -9.30
C5 GDP J . 16.67 -14.35 -10.30
C6 GDP J . 15.39 -13.75 -10.32
O6 GDP J . 14.84 -13.10 -9.44
N1 GDP J . 14.79 -13.99 -11.53
C2 GDP J . 15.31 -14.66 -12.63
N2 GDP J . 14.45 -14.68 -13.70
N3 GDP J . 16.50 -15.21 -12.60
C4 GDP J . 17.12 -15.01 -11.42
MG MG K . 26.02 -17.50 -5.42
C24 IQC L . 23.67 -23.50 10.03
C25 IQC L . 24.83 -23.61 10.78
C14 IQC L . 25.03 -24.59 4.33
C28 IQC L . 27.11 -25.20 8.59
C13 IQC L . 24.73 -25.90 4.00
C27 IQC L . 25.82 -24.66 8.83
C22 IQC L . 24.66 -24.53 8.08
C17 IQC L . 24.63 -24.98 6.67
C23 IQC L . 23.58 -23.94 8.71
C19 IQC L . 24.29 -26.72 5.02
C26 IQC L . 25.89 -24.20 10.14
C18 IQC L . 24.26 -26.26 6.33
C15 IQC L . 25.00 -24.15 5.63
C11 IQC L . 24.69 -26.36 2.68
C9 IQC L . 23.86 -28.27 3.46
C36 IQC L . 25.77 -23.43 -5.67
C35 IQC L . 26.71 -23.03 -4.54
C33 IQC L . 25.80 -22.33 -3.54
C1 IQC L . 21.87 -29.35 1.36
C3 IQC L . 22.36 -31.63 2.33
C38 IQC L . 26.03 -23.51 0.85
C40 IQC L . 24.27 -24.80 -0.44
C6 IQC L . 20.37 -29.59 1.37
C4 IQC L . 20.89 -31.97 2.16
C37 IQC L . 26.13 -24.74 1.60
C41 IQC L . 24.98 -26.18 0.05
C42 IQC L . 26.40 -24.03 -1.65
C43 IQC L . 25.06 -22.42 -1.09
C2 IQC L . 22.47 -30.17 2.51
C39 IQC L . 25.42 -23.78 -0.50
C31 IQC L . 22.31 -23.77 7.94
C7 IQC L . 18.56 -31.17 2.22
N29 IQC L . 27.91 -25.08 9.66
N20 IQC L . 23.93 -27.97 4.76
N10 IQC L . 24.20 -27.53 2.43
N30 IQC L . 27.15 -24.48 10.59
N12 IQC L . 25.11 -25.75 1.49
N32 IQC L . 25.80 -22.84 -2.27
N5 IQC L . 19.99 -30.78 2.21
N8 IQC L . 23.44 -29.50 3.23
O34 IQC L . 25.13 -21.37 -3.88
F21 IQC L . 23.84 -27.06 7.31
CL1 IQC L . 25.46 -22.51 5.92
#